data_2NOM
#
_entry.id   2NOM
#
_cell.length_a   79.142
_cell.length_b   41.659
_cell.length_c   104.286
_cell.angle_alpha   90.000
_cell.angle_beta   96.460
_cell.angle_gamma   90.000
#
_symmetry.space_group_name_H-M   'P 1 21 1'
#
loop_
_entity.id
_entity.type
_entity.pdbx_description
1 polymer 'RNA uridylyl transferase'
2 non-polymer 'MAGNESIUM ION'
3 non-polymer "DEOXYURIDINE-5'-TRIPHOSPHATE"
4 water water
#
_entity_poly.entity_id   1
_entity_poly.type   'polypeptide(L)'
_entity_poly.pdbx_seq_one_letter_code
;MGSSHHHHHHSSGLVPRGSHMPPSPAVVGRSLVNSFKQFVSKDLHTRHVDATYRLVLDCVAAVDPLMRLYTFGSTVVYGV
HEKGSDVDFVVLNKTDVEDGKGGDAATQVAKGLQADILAKLARVIRQKHLSWNVEEVRRTRVPVVRVKGGGAVDFDITAY
RRNGVRNSALLRAYFEQNPPCRWLSMSIKRWSKQTGLNASVIGGSITSYGFNLMVVYYLLQRNHLQFVPPSTIDVSRVEP
LPPHLPLEEPADEGLELGTQVLDFLHFFLHEFDSDKQVISLNRPGITTKEELDWTKSAEDFARMNGEKVHYQWCIEDPYE
LNLNVGRNVTPLKRDFLRRHLEKARDTALLTIV
;
_entity_poly.pdbx_strand_id   A,B
#
# COMPACT_ATOMS: atom_id res chain seq x y z
N PRO A 23 -4.67 -20.33 38.36
CA PRO A 23 -5.24 -21.62 38.72
C PRO A 23 -4.31 -22.79 38.37
N SER A 24 -4.84 -24.01 38.49
CA SER A 24 -4.07 -25.19 38.16
C SER A 24 -4.04 -25.36 36.64
N PRO A 25 -3.02 -26.09 36.12
CA PRO A 25 -3.07 -26.49 34.73
C PRO A 25 -4.42 -27.09 34.36
N ALA A 26 -4.92 -28.03 35.18
CA ALA A 26 -6.24 -28.65 34.97
C ALA A 26 -7.37 -27.63 34.79
N VAL A 27 -7.46 -26.66 35.71
CA VAL A 27 -8.45 -25.59 35.60
C VAL A 27 -8.24 -24.80 34.30
N VAL A 28 -6.99 -24.37 34.06
CA VAL A 28 -6.61 -23.58 32.87
C VAL A 28 -6.99 -24.32 31.59
N GLY A 29 -6.50 -25.55 31.48
CA GLY A 29 -6.67 -26.38 30.31
C GLY A 29 -8.12 -26.66 30.01
N ARG A 30 -8.91 -26.88 31.05
CA ARG A 30 -10.33 -27.23 30.89
C ARG A 30 -11.14 -26.02 30.41
N SER A 31 -10.85 -24.85 30.99
CA SER A 31 -11.44 -23.58 30.59
C SER A 31 -11.10 -23.17 29.16
N LEU A 32 -9.91 -23.54 28.70
CA LEU A 32 -9.50 -23.24 27.33
C LEU A 32 -10.26 -24.11 26.35
N VAL A 33 -10.27 -25.42 26.60
CA VAL A 33 -11.02 -26.39 25.78
C VAL A 33 -12.52 -26.02 25.70
N ASN A 34 -13.10 -25.65 26.83
CA ASN A 34 -14.45 -25.09 26.89
C ASN A 34 -14.62 -23.88 25.94
N SER A 35 -13.71 -22.92 26.00
CA SER A 35 -13.76 -21.73 25.13
C SER A 35 -13.53 -21.97 23.62
N PHE A 36 -13.29 -23.21 23.21
CA PHE A 36 -12.92 -23.50 21.82
C PHE A 36 -13.98 -24.20 20.95
N LYS A 37 -15.21 -24.36 21.46
CA LYS A 37 -16.28 -25.12 20.79
C LYS A 37 -16.56 -24.82 19.28
N GLN A 38 -16.95 -23.58 18.96
CA GLN A 38 -17.25 -23.19 17.57
C GLN A 38 -15.97 -23.05 16.72
N PHE A 39 -14.83 -23.03 17.40
CA PHE A 39 -13.54 -22.69 16.80
C PHE A 39 -12.99 -23.83 15.93
N HIS A 45 -12.45 -27.17 8.58
CA HIS A 45 -10.99 -27.22 8.69
C HIS A 45 -10.31 -26.21 7.76
N THR A 46 -10.19 -26.57 6.48
CA THR A 46 -9.69 -25.72 5.38
C THR A 46 -10.80 -25.64 4.32
N ARG A 47 -12.03 -25.44 4.79
CA ARG A 47 -13.24 -25.67 3.98
C ARG A 47 -13.26 -24.87 2.67
N HIS A 48 -13.56 -23.58 2.75
CA HIS A 48 -13.85 -22.84 1.54
C HIS A 48 -12.73 -21.87 1.16
N VAL A 49 -11.51 -22.22 1.56
CA VAL A 49 -10.34 -21.48 1.13
C VAL A 49 -10.03 -21.79 -0.34
N ASP A 50 -10.35 -23.00 -0.79
CA ASP A 50 -10.31 -23.33 -2.22
C ASP A 50 -11.09 -22.28 -2.97
N ALA A 51 -12.38 -22.17 -2.67
CA ALA A 51 -13.25 -21.21 -3.34
C ALA A 51 -12.71 -19.77 -3.31
N THR A 52 -12.07 -19.36 -2.21
CA THR A 52 -11.50 -17.99 -2.08
C THR A 52 -10.24 -17.84 -2.90
N TYR A 53 -9.34 -18.82 -2.73
CA TYR A 53 -8.11 -18.88 -3.50
C TYR A 53 -8.44 -18.81 -5.00
N ARG A 54 -9.49 -19.49 -5.43
CA ARG A 54 -9.89 -19.46 -6.85
C ARG A 54 -10.50 -18.11 -7.25
N LEU A 55 -11.31 -17.49 -6.39
CA LEU A 55 -11.77 -16.15 -6.68
C LEU A 55 -10.59 -15.22 -6.86
N VAL A 56 -9.62 -15.28 -5.94
CA VAL A 56 -8.44 -14.42 -6.07
C VAL A 56 -7.63 -14.76 -7.32
N LEU A 57 -7.49 -16.03 -7.64
CA LEU A 57 -6.74 -16.43 -8.85
C LEU A 57 -7.37 -15.85 -10.12
N ASP A 58 -8.70 -15.75 -10.14
CA ASP A 58 -9.46 -15.14 -11.21
C ASP A 58 -8.98 -13.74 -11.51
N CYS A 59 -9.03 -12.86 -10.52
CA CYS A 59 -8.40 -11.53 -10.58
C CYS A 59 -6.91 -11.44 -10.96
N VAL A 60 -6.08 -12.36 -10.45
CA VAL A 60 -4.64 -12.34 -10.78
C VAL A 60 -4.42 -12.66 -12.29
N ALA A 61 -5.09 -13.69 -12.77
CA ALA A 61 -5.05 -14.02 -14.20
C ALA A 61 -5.38 -12.84 -15.12
N ALA A 62 -6.35 -12.03 -14.74
CA ALA A 62 -6.70 -10.81 -15.44
C ALA A 62 -5.57 -9.78 -15.45
N VAL A 63 -4.84 -9.66 -14.34
CA VAL A 63 -3.66 -8.81 -14.33
C VAL A 63 -2.56 -9.49 -15.16
N ASP A 64 -2.12 -10.68 -14.76
CA ASP A 64 -1.07 -11.41 -15.45
C ASP A 64 -1.30 -12.91 -15.32
N PRO A 65 -1.63 -13.61 -16.43
CA PRO A 65 -2.00 -15.04 -16.41
C PRO A 65 -0.87 -15.99 -15.96
N LEU A 66 0.38 -15.54 -16.05
CA LEU A 66 1.53 -16.36 -15.68
C LEU A 66 1.95 -16.23 -14.21
N MET A 67 1.22 -15.42 -13.47
CA MET A 67 1.58 -15.15 -12.09
C MET A 67 1.08 -16.24 -11.17
N ARG A 68 1.92 -16.59 -10.19
CA ARG A 68 1.57 -17.58 -9.19
C ARG A 68 0.84 -16.91 -8.04
N LEU A 69 -0.15 -17.59 -7.48
CA LEU A 69 -0.77 -17.17 -6.24
C LEU A 69 -0.47 -18.18 -5.14
N TYR A 70 -0.06 -17.68 -3.97
CA TYR A 70 0.22 -18.55 -2.84
C TYR A 70 -0.59 -18.14 -1.65
N THR A 71 -1.02 -19.13 -0.88
CA THR A 71 -1.60 -18.85 0.41
C THR A 71 -0.47 -18.89 1.43
N PHE A 72 -0.52 -18.02 2.43
CA PHE A 72 0.47 -18.04 3.49
C PHE A 72 -0.29 -17.61 4.75
N GLY A 73 0.28 -17.55 5.94
CA GLY A 73 -0.61 -17.16 7.06
C GLY A 73 -1.28 -18.36 7.72
N SER A 74 -2.16 -18.15 8.71
CA SER A 74 -2.61 -19.23 9.62
C SER A 74 -3.14 -20.49 8.95
N THR A 75 -3.80 -20.31 7.81
CA THR A 75 -4.33 -21.42 7.04
C THR A 75 -3.22 -22.38 6.67
N VAL A 76 -2.09 -21.81 6.28
CA VAL A 76 -0.91 -22.56 5.89
C VAL A 76 -0.06 -23.02 7.11
N VAL A 77 0.13 -22.10 8.06
CA VAL A 77 0.87 -22.36 9.29
C VAL A 77 0.25 -23.47 10.12
N TYR A 78 -1.07 -23.41 10.36
CA TYR A 78 -1.71 -24.45 11.18
C TYR A 78 -2.18 -25.70 10.41
N GLY A 79 -2.43 -25.58 9.11
CA GLY A 79 -3.19 -26.60 8.42
C GLY A 79 -4.69 -26.57 8.73
N VAL A 80 -5.18 -25.46 9.30
CA VAL A 80 -6.60 -25.29 9.61
C VAL A 80 -7.02 -23.83 9.43
N HIS A 81 -8.30 -23.58 9.21
CA HIS A 81 -8.82 -22.22 9.21
C HIS A 81 -9.69 -21.93 10.44
N GLU A 82 -9.32 -20.90 11.20
CA GLU A 82 -10.06 -20.53 12.41
C GLU A 82 -11.06 -19.41 12.13
N LYS A 83 -12.04 -19.28 13.04
CA LYS A 83 -13.08 -18.27 12.91
C LYS A 83 -12.49 -16.88 13.10
N GLY A 84 -12.89 -15.94 12.26
CA GLY A 84 -12.40 -14.56 12.38
C GLY A 84 -10.98 -14.35 11.86
N SER A 85 -10.36 -15.40 11.32
CA SER A 85 -9.05 -15.25 10.67
C SER A 85 -9.27 -14.95 9.20
N ASP A 86 -8.58 -13.93 8.69
CA ASP A 86 -8.58 -13.68 7.27
C ASP A 86 -7.81 -14.79 6.52
N VAL A 87 -7.52 -14.57 5.26
CA VAL A 87 -6.68 -15.48 4.48
C VAL A 87 -5.63 -14.62 3.84
N ASP A 88 -4.38 -15.05 3.87
CA ASP A 88 -3.32 -14.24 3.29
C ASP A 88 -2.78 -14.87 2.03
N PHE A 89 -2.69 -14.10 0.95
CA PHE A 89 -2.20 -14.58 -0.34
C PHE A 89 -0.99 -13.77 -0.68
N VAL A 90 -0.06 -14.36 -1.42
CA VAL A 90 0.99 -13.57 -2.02
C VAL A 90 1.12 -13.93 -3.53
N VAL A 91 1.37 -12.91 -4.33
CA VAL A 91 1.47 -13.02 -5.77
C VAL A 91 2.95 -13.11 -6.15
N LEU A 92 3.37 -14.20 -6.81
CA LEU A 92 4.80 -14.39 -7.16
C LEU A 92 5.06 -14.68 -8.64
N ASN A 93 6.19 -14.18 -9.15
CA ASN A 93 6.66 -14.59 -10.48
C ASN A 93 7.30 -15.98 -10.40
N LYS A 94 7.26 -16.72 -11.51
CA LYS A 94 7.90 -18.06 -11.60
C LYS A 94 9.35 -18.05 -11.09
N THR A 95 10.11 -17.06 -11.51
CA THR A 95 11.51 -16.92 -11.14
C THR A 95 11.72 -16.56 -9.66
N ASP A 96 10.70 -15.94 -9.05
CA ASP A 96 10.67 -15.69 -7.60
C ASP A 96 10.55 -17.03 -6.89
N VAL A 97 9.77 -17.95 -7.46
CA VAL A 97 9.60 -19.29 -6.91
C VAL A 97 10.86 -20.15 -7.15
N GLU A 98 11.28 -20.29 -8.41
CA GLU A 98 12.43 -21.08 -8.82
C GLU A 98 13.73 -20.63 -8.16
N ASP A 99 13.76 -19.38 -7.72
CA ASP A 99 14.81 -18.89 -6.85
C ASP A 99 14.23 -18.89 -5.41
N GLY A 100 13.99 -20.08 -4.87
CA GLY A 100 13.33 -20.26 -3.57
C GLY A 100 14.22 -20.13 -2.34
N LYS A 101 15.47 -19.73 -2.57
CA LYS A 101 16.47 -19.55 -1.50
C LYS A 101 17.28 -18.27 -1.81
N GLY A 102 16.56 -17.15 -1.83
CA GLY A 102 17.15 -15.83 -2.06
C GLY A 102 16.21 -14.83 -1.41
N GLY A 103 16.78 -13.83 -0.76
CA GLY A 103 15.98 -12.89 0.02
C GLY A 103 15.13 -11.90 -0.77
N ASP A 104 14.10 -11.37 -0.11
CA ASP A 104 13.34 -10.24 -0.62
C ASP A 104 14.15 -8.99 -0.32
N ALA A 105 14.40 -8.18 -1.36
CA ALA A 105 15.15 -6.95 -1.21
C ALA A 105 14.37 -5.94 -0.36
N ALA A 106 15.12 -5.11 0.38
CA ALA A 106 14.53 -4.08 1.25
C ALA A 106 14.02 -2.87 0.47
N THR A 107 14.66 -2.62 -0.67
CA THR A 107 14.72 -1.28 -1.29
C THR A 107 13.41 -0.57 -1.66
N GLN A 108 13.56 0.74 -1.87
CA GLN A 108 12.52 1.63 -2.37
C GLN A 108 11.85 1.09 -3.64
N VAL A 109 12.67 0.61 -4.58
CA VAL A 109 12.21 0.08 -5.86
C VAL A 109 11.38 -1.20 -5.68
N ALA A 110 11.89 -2.15 -4.88
CA ALA A 110 11.16 -3.36 -4.58
C ALA A 110 9.79 -3.02 -4.00
N LYS A 111 9.77 -2.08 -3.04
CA LYS A 111 8.54 -1.66 -2.38
C LYS A 111 7.61 -1.02 -3.40
N GLY A 112 8.15 -0.15 -4.26
CA GLY A 112 7.36 0.48 -5.30
C GLY A 112 6.81 -0.45 -6.38
N LEU A 113 7.55 -1.51 -6.64
CA LEU A 113 7.19 -2.50 -7.64
C LEU A 113 6.00 -3.31 -7.16
N GLN A 114 6.02 -3.59 -5.87
CA GLN A 114 4.97 -4.33 -5.22
C GLN A 114 3.68 -3.52 -5.21
N ALA A 115 3.78 -2.22 -4.96
CA ALA A 115 2.62 -1.36 -4.87
C ALA A 115 2.01 -1.20 -6.27
N ASP A 116 2.88 -1.20 -7.26
CA ASP A 116 2.45 -1.05 -8.61
C ASP A 116 1.63 -2.26 -9.02
N ILE A 117 2.13 -3.46 -8.74
CA ILE A 117 1.40 -4.67 -9.09
C ILE A 117 0.10 -4.80 -8.27
N LEU A 118 0.18 -4.48 -6.98
CA LEU A 118 -0.97 -4.45 -6.12
C LEU A 118 -2.05 -3.45 -6.57
N ALA A 119 -1.63 -2.31 -7.13
CA ALA A 119 -2.56 -1.26 -7.53
C ALA A 119 -3.46 -1.76 -8.68
N LYS A 120 -2.82 -2.38 -9.66
CA LYS A 120 -3.50 -3.06 -10.75
C LYS A 120 -4.51 -4.07 -10.28
N LEU A 121 -4.06 -5.05 -9.52
CA LEU A 121 -4.97 -6.08 -8.99
C LEU A 121 -6.17 -5.49 -8.24
N ALA A 122 -5.94 -4.48 -7.40
CA ALA A 122 -7.04 -3.83 -6.66
C ALA A 122 -8.11 -3.25 -7.61
N ARG A 123 -7.66 -2.65 -8.71
CA ARG A 123 -8.53 -2.20 -9.81
C ARG A 123 -9.45 -3.31 -10.30
N VAL A 124 -8.84 -4.42 -10.70
CA VAL A 124 -9.53 -5.60 -11.18
C VAL A 124 -10.52 -6.18 -10.17
N ILE A 125 -10.14 -6.26 -8.91
CA ILE A 125 -11.01 -6.81 -7.85
C ILE A 125 -12.30 -5.99 -7.65
N ARG A 126 -12.15 -4.67 -7.50
CA ARG A 126 -13.26 -3.72 -7.46
C ARG A 126 -14.17 -3.79 -8.71
N GLN A 127 -13.60 -3.94 -9.90
CA GLN A 127 -14.40 -4.08 -11.11
C GLN A 127 -15.21 -5.37 -10.98
N LYS A 128 -14.56 -6.42 -10.50
CA LYS A 128 -15.19 -7.74 -10.43
C LYS A 128 -16.12 -7.91 -9.25
N HIS A 129 -15.97 -7.07 -8.22
CA HIS A 129 -16.68 -7.28 -6.95
C HIS A 129 -17.14 -6.00 -6.30
N LEU A 130 -18.15 -5.39 -6.94
CA LEU A 130 -18.72 -4.11 -6.53
C LEU A 130 -19.07 -4.00 -5.04
N SER A 131 -19.26 -5.12 -4.37
CA SER A 131 -19.63 -5.09 -2.97
C SER A 131 -18.41 -5.01 -2.04
N TRP A 132 -17.24 -5.32 -2.59
CA TRP A 132 -16.03 -5.47 -1.79
C TRP A 132 -15.35 -4.13 -1.59
N ASN A 133 -15.03 -3.82 -0.33
CA ASN A 133 -14.08 -2.75 -0.07
C ASN A 133 -12.69 -3.29 -0.33
N VAL A 134 -11.94 -2.59 -1.16
CA VAL A 134 -10.57 -2.99 -1.45
C VAL A 134 -9.64 -1.82 -1.13
N GLU A 135 -8.86 -1.96 -0.07
CA GLU A 135 -8.03 -0.88 0.42
C GLU A 135 -6.55 -1.12 0.24
N GLU A 136 -5.84 -0.15 -0.30
CA GLU A 136 -4.42 -0.30 -0.53
C GLU A 136 -3.69 0.32 0.65
N VAL A 137 -3.02 -0.52 1.45
CA VAL A 137 -2.39 -0.03 2.70
C VAL A 137 -0.91 0.25 2.51
N ARG A 138 -0.49 1.48 2.86
CA ARG A 138 0.88 1.97 2.61
C ARG A 138 1.74 2.14 3.87
N ARG A 139 1.12 2.66 4.93
CA ARG A 139 1.78 2.82 6.23
C ARG A 139 2.86 1.75 6.58
N THR A 140 2.43 0.49 6.67
CA THR A 140 3.31 -0.65 6.96
C THR A 140 4.56 -0.82 6.06
N ARG A 141 5.53 -1.59 6.56
CA ARG A 141 6.72 -2.03 5.84
C ARG A 141 6.41 -2.72 4.50
N VAL A 142 5.44 -3.63 4.51
CA VAL A 142 5.07 -4.41 3.32
C VAL A 142 3.75 -3.87 2.69
N PRO A 143 3.81 -3.40 1.43
CA PRO A 143 2.60 -3.12 0.67
C PRO A 143 1.61 -4.30 0.70
N VAL A 144 0.36 -4.01 0.99
CA VAL A 144 -0.68 -5.01 1.15
C VAL A 144 -2.03 -4.39 0.74
N VAL A 145 -2.87 -5.19 0.09
CA VAL A 145 -4.24 -4.84 -0.23
C VAL A 145 -5.17 -5.61 0.70
N ARG A 146 -5.97 -4.90 1.48
CA ARG A 146 -6.93 -5.52 2.39
C ARG A 146 -8.36 -5.54 1.81
N VAL A 147 -8.90 -6.74 1.64
CA VAL A 147 -10.18 -6.90 1.00
C VAL A 147 -11.23 -7.38 2.00
N LYS A 148 -12.32 -6.63 2.10
CA LYS A 148 -13.43 -6.96 2.99
C LYS A 148 -14.73 -6.97 2.21
N GLY A 149 -15.40 -8.10 2.19
CA GLY A 149 -16.64 -8.19 1.45
C GLY A 149 -17.82 -8.65 2.28
N GLY A 150 -17.74 -8.48 3.60
CA GLY A 150 -18.73 -9.03 4.52
C GLY A 150 -18.64 -10.55 4.61
N GLY A 151 -19.07 -11.10 5.75
CA GLY A 151 -19.13 -12.55 5.89
C GLY A 151 -17.76 -13.18 5.78
N ALA A 152 -17.63 -14.14 4.85
CA ALA A 152 -16.38 -14.92 4.70
C ALA A 152 -15.24 -14.13 4.07
N VAL A 153 -15.58 -13.20 3.18
CA VAL A 153 -14.58 -12.49 2.40
C VAL A 153 -13.76 -11.59 3.31
N ASP A 154 -12.56 -12.05 3.60
CA ASP A 154 -11.62 -11.34 4.46
C ASP A 154 -10.23 -11.82 4.04
N PHE A 155 -9.51 -10.99 3.29
CA PHE A 155 -8.18 -11.40 2.84
C PHE A 155 -7.25 -10.25 2.52
N ASP A 156 -5.96 -10.51 2.72
CA ASP A 156 -4.84 -9.61 2.40
C ASP A 156 -4.09 -10.18 1.20
N ILE A 157 -3.61 -9.33 0.32
CA ILE A 157 -2.76 -9.76 -0.75
C ILE A 157 -1.49 -8.92 -0.76
N THR A 158 -0.35 -9.60 -0.77
CA THR A 158 0.94 -8.95 -0.97
C THR A 158 1.58 -9.44 -2.27
N ALA A 159 2.71 -8.85 -2.68
CA ALA A 159 3.37 -9.20 -3.92
C ALA A 159 4.86 -9.43 -3.81
N TYR A 160 5.39 -10.29 -4.69
CA TYR A 160 6.85 -10.42 -4.92
C TYR A 160 7.67 -10.63 -3.66
N ARG A 161 7.18 -11.46 -2.77
CA ARG A 161 7.90 -11.71 -1.54
C ARG A 161 7.84 -13.18 -1.17
N ARG A 162 8.97 -13.87 -1.22
CA ARG A 162 8.97 -15.29 -0.85
C ARG A 162 9.18 -15.56 0.65
N ASN A 163 9.60 -14.57 1.43
CA ASN A 163 9.87 -14.82 2.84
C ASN A 163 8.61 -15.05 3.66
N GLY A 164 7.52 -14.41 3.27
CA GLY A 164 6.19 -14.68 3.85
C GLY A 164 5.81 -16.14 3.67
N VAL A 165 6.01 -16.68 2.48
CA VAL A 165 5.72 -18.12 2.25
C VAL A 165 6.75 -19.03 2.90
N ARG A 166 8.01 -18.66 2.80
CA ARG A 166 9.07 -19.37 3.49
C ARG A 166 8.95 -19.33 5.02
N ASN A 167 8.52 -18.20 5.59
CA ASN A 167 8.28 -18.17 7.05
C ASN A 167 7.16 -19.10 7.48
N SER A 168 6.08 -19.13 6.69
CA SER A 168 4.91 -19.96 7.00
C SER A 168 5.26 -21.42 6.92
N ALA A 169 5.92 -21.82 5.83
CA ALA A 169 6.41 -23.18 5.63
C ALA A 169 7.37 -23.66 6.74
N LEU A 170 8.22 -22.77 7.25
CA LEU A 170 9.00 -23.08 8.46
C LEU A 170 8.08 -23.35 9.63
N LEU A 171 7.14 -22.44 9.88
CA LEU A 171 6.20 -22.60 10.99
C LEU A 171 5.36 -23.85 10.83
N ARG A 172 4.93 -24.16 9.60
CA ARG A 172 4.26 -25.43 9.34
C ARG A 172 5.12 -26.70 9.55
N ALA A 173 6.37 -26.64 9.13
CA ALA A 173 7.33 -27.73 9.38
C ALA A 173 7.35 -28.10 10.83
N TYR A 174 7.50 -27.10 11.71
CA TYR A 174 7.51 -27.33 13.18
C TYR A 174 6.21 -27.88 13.72
N PHE A 175 5.08 -27.40 13.20
CA PHE A 175 3.77 -27.81 13.70
C PHE A 175 3.35 -29.18 13.22
N GLU A 176 3.94 -29.63 12.11
CA GLU A 176 3.77 -31.00 11.62
C GLU A 176 4.57 -32.00 12.46
N GLN A 177 5.49 -31.49 13.25
CA GLN A 177 6.28 -32.33 14.14
C GLN A 177 5.45 -32.75 15.35
N ASN A 178 4.66 -31.81 15.88
CA ASN A 178 3.90 -31.99 17.13
C ASN A 178 2.56 -31.23 16.96
N PRO A 179 1.62 -31.85 16.19
CA PRO A 179 0.43 -31.13 15.75
C PRO A 179 -0.44 -30.51 16.86
N PRO A 180 -0.55 -31.15 18.06
CA PRO A 180 -1.24 -30.57 19.21
C PRO A 180 -0.64 -29.28 19.79
N CYS A 181 0.55 -28.87 19.35
CA CYS A 181 1.14 -27.61 19.82
C CYS A 181 0.44 -26.40 19.23
N ARG A 182 -0.33 -26.65 18.18
CA ARG A 182 -1.14 -25.64 17.54
C ARG A 182 -2.15 -25.11 18.52
N TRP A 183 -2.65 -25.96 19.42
CA TRP A 183 -3.60 -25.52 20.44
C TRP A 183 -3.01 -24.42 21.32
N LEU A 184 -1.73 -24.55 21.68
CA LEU A 184 -1.03 -23.52 22.43
C LEU A 184 -0.97 -22.25 21.61
N SER A 185 -0.36 -22.34 20.45
CA SER A 185 -0.19 -21.22 19.54
C SER A 185 -1.53 -20.50 19.28
N MET A 186 -2.57 -21.28 18.97
CA MET A 186 -3.92 -20.73 18.82
C MET A 186 -4.44 -20.02 20.05
N SER A 187 -4.23 -20.60 21.23
CA SER A 187 -4.67 -19.98 22.48
C SER A 187 -4.00 -18.63 22.69
N ILE A 188 -2.70 -18.60 22.44
CA ILE A 188 -1.93 -17.36 22.53
C ILE A 188 -2.40 -16.34 21.50
N LYS A 189 -2.73 -16.83 20.30
CA LYS A 189 -3.09 -15.92 19.21
C LYS A 189 -4.38 -15.20 19.55
N ARG A 190 -5.40 -15.94 20.00
CA ARG A 190 -6.70 -15.37 20.37
C ARG A 190 -6.54 -14.35 21.51
N TRP A 191 -5.83 -14.78 22.56
CA TRP A 191 -5.49 -13.95 23.68
C TRP A 191 -4.88 -12.62 23.23
N SER A 192 -3.82 -12.70 22.44
CA SER A 192 -3.13 -11.53 21.87
C SER A 192 -4.10 -10.52 21.24
N LYS A 193 -5.17 -11.03 20.65
CA LYS A 193 -6.20 -10.21 20.03
C LYS A 193 -7.19 -9.65 21.07
N GLN A 194 -7.66 -10.50 21.99
CA GLN A 194 -8.47 -10.02 23.11
C GLN A 194 -7.79 -8.86 23.86
N THR A 195 -6.54 -9.06 24.25
CA THR A 195 -5.79 -8.03 25.00
C THR A 195 -5.36 -6.80 24.18
N GLY A 196 -5.48 -6.85 22.86
CA GLY A 196 -5.05 -5.73 21.97
C GLY A 196 -3.55 -5.62 21.70
N LEU A 197 -2.77 -6.64 22.06
CA LEU A 197 -1.33 -6.67 21.77
C LEU A 197 -1.03 -6.91 20.30
N ASN A 198 -1.96 -7.59 19.65
CA ASN A 198 -1.81 -8.03 18.28
C ASN A 198 -1.96 -6.88 17.31
N ALA A 199 -1.03 -6.80 16.35
CA ALA A 199 -1.00 -5.73 15.33
C ALA A 199 -2.19 -5.77 14.35
N SER A 200 -2.98 -6.82 14.39
CA SER A 200 -4.17 -6.94 13.53
C SER A 200 -5.36 -6.14 14.15
N VAL A 201 -5.16 -5.71 15.39
CA VAL A 201 -6.08 -4.84 16.13
C VAL A 201 -5.49 -3.44 16.20
N ILE A 202 -6.35 -2.43 16.23
CA ILE A 202 -5.90 -1.04 16.40
C ILE A 202 -5.18 -0.87 17.75
N GLY A 203 -3.96 -0.32 17.70
CA GLY A 203 -3.16 -0.12 18.89
C GLY A 203 -2.13 -1.22 19.08
N GLY A 204 -2.43 -2.40 18.53
CA GLY A 204 -1.53 -3.55 18.64
C GLY A 204 -0.15 -3.30 18.07
N SER A 205 0.82 -4.13 18.43
CA SER A 205 2.21 -3.87 18.02
C SER A 205 2.99 -5.12 17.58
N ILE A 206 2.53 -6.32 17.98
CA ILE A 206 3.09 -7.60 17.52
C ILE A 206 2.07 -8.41 16.69
N THR A 207 2.43 -8.72 15.46
CA THR A 207 1.58 -9.55 14.59
C THR A 207 1.40 -10.94 15.16
N SER A 208 0.37 -11.67 14.72
CA SER A 208 0.18 -13.08 15.11
C SER A 208 1.46 -13.89 14.82
N TYR A 209 2.10 -13.59 13.70
CA TYR A 209 3.32 -14.27 13.34
C TYR A 209 4.36 -14.17 14.46
N GLY A 210 4.53 -12.98 15.06
CA GLY A 210 5.43 -12.77 16.19
C GLY A 210 5.13 -13.65 17.37
N PHE A 211 3.84 -13.83 17.65
CA PHE A 211 3.39 -14.71 18.75
C PHE A 211 3.62 -16.18 18.46
N ASN A 212 3.53 -16.57 17.19
CA ASN A 212 3.91 -17.91 16.75
C ASN A 212 5.38 -18.20 16.90
N LEU A 213 6.22 -17.21 16.64
CA LEU A 213 7.64 -17.35 16.79
C LEU A 213 7.98 -17.55 18.25
N MET A 214 7.33 -16.80 19.13
CA MET A 214 7.47 -16.97 20.58
C MET A 214 7.10 -18.37 21.02
N VAL A 215 5.92 -18.82 20.60
CA VAL A 215 5.43 -20.15 20.97
C VAL A 215 6.42 -21.22 20.46
N VAL A 216 6.84 -21.08 19.21
CA VAL A 216 7.81 -22.03 18.68
C VAL A 216 9.19 -21.93 19.40
N TYR A 217 9.75 -20.73 19.52
CA TYR A 217 11.00 -20.56 20.27
C TYR A 217 10.89 -21.18 21.67
N TYR A 218 9.82 -20.81 22.37
CA TYR A 218 9.51 -21.38 23.65
C TYR A 218 9.54 -22.93 23.66
N LEU A 219 8.83 -23.55 22.72
CA LEU A 219 8.72 -25.02 22.66
C LEU A 219 10.05 -25.66 22.28
N LEU A 220 10.81 -24.96 21.46
CA LEU A 220 12.14 -25.40 21.08
C LEU A 220 13.03 -25.40 22.33
N GLN A 221 12.95 -24.35 23.14
CA GLN A 221 13.67 -24.29 24.43
C GLN A 221 13.32 -25.44 25.37
N ARG A 222 12.06 -25.86 25.41
CA ARG A 222 11.64 -26.97 26.27
C ARG A 222 11.86 -28.36 25.65
N ASN A 223 12.51 -28.41 24.48
CA ASN A 223 12.73 -29.67 23.73
C ASN A 223 11.46 -30.37 23.22
N HIS A 224 10.38 -29.61 23.05
CA HIS A 224 9.11 -30.15 22.51
C HIS A 224 9.13 -30.22 21.01
N LEU A 225 10.05 -29.49 20.39
CA LEU A 225 10.15 -29.47 18.97
C LEU A 225 11.60 -29.71 18.72
N GLN A 226 11.90 -30.20 17.52
CA GLN A 226 13.27 -30.48 17.10
C GLN A 226 13.65 -29.41 16.10
N PHE A 227 14.87 -28.91 16.23
CA PHE A 227 15.31 -27.78 15.41
C PHE A 227 15.19 -28.04 13.91
N VAL A 228 14.76 -27.03 13.16
CA VAL A 228 14.65 -27.10 11.69
C VAL A 228 15.44 -25.95 11.10
N PRO A 229 16.60 -26.24 10.48
CA PRO A 229 17.34 -25.12 9.91
C PRO A 229 16.50 -24.33 8.89
N PRO A 230 16.28 -23.03 9.16
CA PRO A 230 15.49 -22.28 8.18
C PRO A 230 15.82 -22.58 6.72
N SER A 231 17.10 -22.87 6.46
CA SER A 231 17.67 -23.03 5.10
C SER A 231 17.27 -24.33 4.42
N THR A 232 16.68 -25.24 5.18
CA THR A 232 16.12 -26.43 4.61
C THR A 232 14.73 -26.19 4.02
N ILE A 233 14.21 -24.96 4.11
CA ILE A 233 12.86 -24.67 3.59
C ILE A 233 13.00 -24.06 2.19
N ASP A 234 12.62 -24.84 1.18
CA ASP A 234 12.69 -24.48 -0.25
C ASP A 234 11.31 -23.99 -0.72
N VAL A 235 11.21 -22.72 -1.11
CA VAL A 235 9.93 -22.15 -1.58
C VAL A 235 9.43 -22.85 -2.83
N SER A 236 10.36 -23.33 -3.65
CA SER A 236 9.99 -23.96 -4.92
C SER A 236 9.34 -25.30 -4.68
N ARG A 237 9.30 -25.72 -3.42
CA ARG A 237 8.74 -27.00 -3.01
C ARG A 237 7.45 -26.78 -2.26
N VAL A 238 7.12 -25.53 -1.98
CA VAL A 238 5.91 -25.31 -1.19
C VAL A 238 4.68 -25.25 -2.08
N GLU A 239 3.63 -25.85 -1.56
CA GLU A 239 2.36 -26.01 -2.20
C GLU A 239 1.60 -24.70 -2.03
N PRO A 240 1.18 -24.09 -3.15
CA PRO A 240 0.46 -22.81 -3.12
C PRO A 240 -0.76 -22.88 -2.19
N LEU A 241 -1.33 -24.06 -2.08
CA LEU A 241 -2.38 -24.33 -1.12
C LEU A 241 -2.11 -25.72 -0.50
N PRO A 242 -1.39 -25.76 0.64
CA PRO A 242 -0.97 -27.02 1.26
C PRO A 242 -2.22 -27.78 1.72
N PRO A 243 -2.11 -29.09 1.98
CA PRO A 243 -3.24 -29.84 2.50
C PRO A 243 -3.57 -29.43 3.92
N HIS A 244 -4.70 -29.91 4.42
CA HIS A 244 -5.09 -29.51 5.75
C HIS A 244 -4.48 -30.50 6.76
N LEU A 245 -4.37 -30.04 8.00
CA LEU A 245 -3.80 -30.85 9.06
C LEU A 245 -4.89 -31.13 10.09
N PRO A 246 -5.34 -32.39 10.19
CA PRO A 246 -6.39 -32.71 11.14
C PRO A 246 -6.11 -32.17 12.54
N LEU A 247 -7.10 -31.49 13.09
CA LEU A 247 -7.00 -30.89 14.40
C LEU A 247 -7.79 -31.70 15.42
N GLU A 248 -7.09 -32.60 16.10
CA GLU A 248 -7.70 -33.39 17.14
C GLU A 248 -7.84 -32.60 18.46
N GLU A 249 -9.09 -32.42 18.89
CA GLU A 249 -9.42 -31.85 20.19
C GLU A 249 -8.66 -32.60 21.27
N PRO A 250 -8.28 -31.92 22.38
CA PRO A 250 -7.49 -32.59 23.44
C PRO A 250 -8.24 -33.71 24.19
N ALA A 251 -7.61 -34.89 24.26
CA ALA A 251 -8.18 -36.10 24.88
C ALA A 251 -8.06 -36.12 26.40
N ASP A 252 -7.06 -35.40 26.91
CA ASP A 252 -6.73 -35.37 28.33
C ASP A 252 -7.51 -34.30 29.09
N GLU A 253 -8.71 -33.98 28.60
CA GLU A 253 -9.59 -32.95 29.17
C GLU A 253 -8.96 -31.54 29.09
N GLY A 254 -7.78 -31.47 28.46
CA GLY A 254 -7.07 -30.21 28.25
C GLY A 254 -5.87 -29.95 29.16
N LEU A 255 -5.47 -30.93 29.96
CA LEU A 255 -4.41 -30.74 30.97
C LEU A 255 -3.01 -30.42 30.42
N GLU A 256 -2.60 -31.10 29.33
CA GLU A 256 -1.35 -30.76 28.61
C GLU A 256 -1.35 -29.29 28.17
N LEU A 257 -2.47 -28.81 27.67
CA LEU A 257 -2.57 -27.44 27.18
C LEU A 257 -2.35 -26.43 28.30
N GLY A 258 -3.00 -26.66 29.44
CA GLY A 258 -3.01 -25.72 30.54
C GLY A 258 -1.64 -25.69 31.12
N THR A 259 -0.99 -26.86 31.12
CA THR A 259 0.39 -27.00 31.56
C THR A 259 1.30 -26.15 30.68
N GLN A 260 1.02 -26.18 29.37
CA GLN A 260 1.83 -25.48 28.36
C GLN A 260 1.58 -23.98 28.40
N VAL A 261 0.31 -23.59 28.53
CA VAL A 261 -0.03 -22.16 28.63
C VAL A 261 0.69 -21.58 29.84
N LEU A 262 0.46 -22.20 31.00
CA LEU A 262 1.11 -21.80 32.23
C LEU A 262 2.62 -21.75 32.11
N ASP A 263 3.21 -22.79 31.54
CA ASP A 263 4.66 -22.88 31.44
C ASP A 263 5.22 -21.84 30.48
N PHE A 264 4.48 -21.58 29.40
CA PHE A 264 4.82 -20.57 28.37
C PHE A 264 4.87 -19.17 28.94
N LEU A 265 3.86 -18.85 29.76
CA LEU A 265 3.75 -17.52 30.32
C LEU A 265 4.87 -17.29 31.34
N HIS A 266 5.12 -18.34 32.15
CA HIS A 266 6.28 -18.43 33.03
C HIS A 266 7.59 -18.17 32.31
N PHE A 267 7.80 -18.86 31.19
CA PHE A 267 9.03 -18.78 30.41
C PHE A 267 9.33 -17.38 29.97
N PHE A 268 8.30 -16.67 29.55
CA PHE A 268 8.44 -15.29 29.07
C PHE A 268 8.37 -14.21 30.17
N LEU A 269 7.93 -14.57 31.37
CA LEU A 269 8.01 -13.62 32.47
C LEU A 269 9.32 -13.81 33.21
N HIS A 270 9.67 -15.06 33.49
CA HIS A 270 10.74 -15.36 34.44
C HIS A 270 11.97 -16.08 33.86
N GLU A 271 11.92 -16.56 32.62
CA GLU A 271 13.11 -17.27 32.06
C GLU A 271 13.78 -16.49 30.96
N PHE A 272 12.97 -16.00 30.02
CA PHE A 272 13.46 -15.24 28.89
C PHE A 272 13.86 -13.87 29.37
N ASP A 273 15.07 -13.48 29.01
CA ASP A 273 15.65 -12.19 29.39
C ASP A 273 15.62 -11.25 28.19
N SER A 274 14.64 -10.34 28.19
CA SER A 274 14.40 -9.47 27.03
C SER A 274 15.44 -8.37 26.86
N ASP A 275 16.21 -8.14 27.92
CA ASP A 275 17.24 -7.11 27.91
C ASP A 275 18.50 -7.58 27.16
N LYS A 276 18.68 -8.89 27.10
CA LYS A 276 19.89 -9.45 26.48
C LYS A 276 19.61 -10.48 25.38
N GLN A 277 18.37 -10.95 25.29
CA GLN A 277 18.05 -12.09 24.42
C GLN A 277 17.13 -11.78 23.24
N VAL A 278 17.23 -12.62 22.21
CA VAL A 278 16.48 -12.45 20.96
C VAL A 278 15.66 -13.72 20.72
N ILE A 279 14.32 -13.60 20.63
CA ILE A 279 13.48 -14.75 20.23
C ILE A 279 13.88 -15.07 18.79
N SER A 280 14.47 -16.24 18.57
CA SER A 280 15.03 -16.57 17.26
C SER A 280 14.94 -18.06 16.87
N LEU A 281 14.67 -18.31 15.59
CA LEU A 281 14.54 -19.67 15.04
C LEU A 281 15.72 -20.07 14.16
N ASN A 282 16.60 -19.10 13.88
CA ASN A 282 17.80 -19.29 13.07
C ASN A 282 18.89 -20.21 13.62
N ARG A 283 18.86 -20.49 14.92
CA ARG A 283 19.84 -21.37 15.55
C ARG A 283 19.12 -22.00 16.72
N PRO A 284 19.56 -23.21 17.12
CA PRO A 284 18.99 -23.78 18.34
C PRO A 284 19.69 -23.10 19.49
N GLY A 285 19.07 -23.07 20.66
CA GLY A 285 19.68 -22.39 21.81
C GLY A 285 19.46 -20.88 21.83
N ILE A 286 20.43 -20.17 22.41
CA ILE A 286 20.24 -18.75 22.78
C ILE A 286 20.87 -17.86 21.72
N THR A 287 20.18 -16.77 21.40
CA THR A 287 20.72 -15.68 20.60
C THR A 287 20.69 -14.40 21.45
N THR A 288 21.80 -13.68 21.45
CA THR A 288 21.90 -12.44 22.19
C THR A 288 21.70 -11.24 21.26
N LYS A 289 21.30 -10.12 21.85
CA LYS A 289 21.17 -8.83 21.19
C LYS A 289 22.50 -8.24 20.72
N GLU A 290 23.55 -8.43 21.54
CA GLU A 290 24.87 -7.96 21.17
C GLU A 290 25.34 -8.62 19.87
N GLU A 291 25.14 -9.92 19.76
CA GLU A 291 25.50 -10.67 18.56
C GLU A 291 24.90 -10.08 17.24
N LEU A 292 23.72 -9.46 17.34
CA LEU A 292 23.05 -8.87 16.18
C LEU A 292 23.22 -7.36 16.07
N ASP A 293 23.83 -6.76 17.10
CA ASP A 293 23.89 -5.31 17.27
C ASP A 293 22.50 -4.69 17.29
N TRP A 294 21.65 -5.28 18.12
CA TRP A 294 20.28 -4.87 18.30
C TRP A 294 20.23 -4.13 19.61
N THR A 295 20.89 -2.99 19.60
CA THR A 295 21.23 -2.28 20.82
C THR A 295 20.66 -0.86 20.69
N LYS A 296 20.82 -0.08 21.74
CA LYS A 296 20.26 1.27 21.83
C LYS A 296 20.85 2.18 20.75
N SER A 297 22.17 2.07 20.57
CA SER A 297 22.89 2.69 19.46
C SER A 297 22.29 2.40 18.06
N ALA A 298 21.78 1.18 17.84
CA ALA A 298 21.07 0.82 16.61
C ALA A 298 19.69 1.46 16.43
N GLU A 299 18.99 1.67 17.53
CA GLU A 299 17.70 2.40 17.53
C GLU A 299 17.84 3.82 16.98
N ASP A 300 18.93 4.50 17.35
CA ASP A 300 19.15 5.88 16.94
C ASP A 300 19.60 6.03 15.48
N PHE A 301 20.00 4.93 14.86
CA PHE A 301 20.39 4.96 13.46
C PHE A 301 19.26 4.53 12.55
N ALA A 302 18.35 3.74 13.09
CA ALA A 302 17.23 3.22 12.31
C ALA A 302 16.13 4.26 12.11
N ARG A 303 15.22 3.96 11.20
CA ARG A 303 13.89 4.55 11.10
C ARG A 303 13.09 3.86 9.97
N MET A 304 12.44 2.73 10.32
CA MET A 304 11.52 2.03 9.41
C MET A 304 10.15 2.74 9.32
N ASN A 305 9.69 3.00 8.09
CA ASN A 305 8.54 3.90 7.84
C ASN A 305 8.62 5.18 8.67
N GLY A 306 9.73 5.91 8.52
CA GLY A 306 9.94 7.20 9.16
C GLY A 306 10.06 7.16 10.68
N GLU A 307 9.87 5.96 11.25
CA GLU A 307 9.87 5.80 12.71
C GLU A 307 11.00 4.94 13.25
N LYS A 308 11.33 5.20 14.51
CA LYS A 308 12.29 4.43 15.28
C LYS A 308 11.96 2.94 15.19
N VAL A 309 13.00 2.11 15.11
CA VAL A 309 12.85 0.70 15.39
C VAL A 309 13.34 0.52 16.81
N HIS A 310 12.66 -0.36 17.54
CA HIS A 310 12.97 -0.63 18.95
C HIS A 310 13.49 -2.05 19.10
N TYR A 311 14.48 -2.20 19.97
CA TYR A 311 15.10 -3.48 20.27
C TYR A 311 14.84 -3.77 21.73
N GLN A 312 13.59 -3.58 22.12
CA GLN A 312 13.17 -3.76 23.48
C GLN A 312 12.78 -5.19 23.72
N TRP A 313 11.91 -5.69 22.84
CA TRP A 313 11.45 -7.07 22.82
C TRP A 313 11.83 -7.58 21.43
N CYS A 314 12.86 -8.41 21.41
CA CYS A 314 13.47 -8.83 20.18
C CYS A 314 12.94 -10.15 19.68
N ILE A 315 12.42 -10.10 18.45
CA ILE A 315 11.96 -11.29 17.73
C ILE A 315 12.51 -11.24 16.32
N GLU A 316 13.33 -12.23 15.97
CA GLU A 316 14.12 -12.18 14.73
C GLU A 316 13.41 -12.91 13.59
N ASP A 317 13.17 -12.21 12.47
CA ASP A 317 12.61 -12.82 11.25
C ASP A 317 13.70 -13.67 10.62
N PRO A 318 13.45 -14.99 10.49
CA PRO A 318 14.38 -16.01 9.99
C PRO A 318 14.93 -15.80 8.57
N TYR A 319 14.23 -15.01 7.76
CA TYR A 319 14.57 -14.89 6.35
C TYR A 319 14.84 -13.47 5.90
N GLU A 320 14.31 -12.50 6.62
CA GLU A 320 14.58 -11.13 6.26
C GLU A 320 15.92 -10.68 6.85
N LEU A 321 16.53 -9.69 6.20
CA LEU A 321 17.78 -9.14 6.67
C LEU A 321 17.55 -8.17 7.83
N ASN A 322 18.06 -8.52 9.01
CA ASN A 322 18.17 -7.62 10.13
C ASN A 322 16.81 -7.10 10.58
N LEU A 323 15.82 -7.98 10.71
CA LEU A 323 14.46 -7.50 10.91
C LEU A 323 13.91 -7.97 12.25
N ASN A 324 13.47 -7.00 13.06
CA ASN A 324 12.88 -7.28 14.36
C ASN A 324 11.36 -7.34 14.16
N VAL A 325 10.79 -8.50 14.42
CA VAL A 325 9.32 -8.66 14.34
C VAL A 325 8.67 -7.91 15.52
N GLY A 326 9.53 -7.39 16.42
CA GLY A 326 9.11 -6.62 17.59
C GLY A 326 9.73 -5.23 17.54
N ARG A 327 9.85 -4.65 16.36
CA ARG A 327 10.38 -3.30 16.19
C ARG A 327 9.41 -2.20 16.65
N ASN A 328 8.13 -2.55 16.82
CA ASN A 328 7.12 -1.60 17.26
C ASN A 328 6.88 -1.66 18.78
N VAL A 329 7.59 -2.56 19.45
CA VAL A 329 7.42 -2.71 20.91
C VAL A 329 8.34 -1.73 21.66
N THR A 330 7.74 -0.57 21.94
CA THR A 330 8.33 0.53 22.67
C THR A 330 8.72 0.06 24.06
N PRO A 331 9.53 0.85 24.79
CA PRO A 331 9.75 0.46 26.19
C PRO A 331 8.45 0.29 27.01
N LEU A 332 7.44 1.10 26.69
CA LEU A 332 6.12 1.05 27.36
C LEU A 332 5.29 -0.19 27.02
N LYS A 333 5.21 -0.49 25.73
CA LYS A 333 4.45 -1.65 25.29
C LYS A 333 5.09 -2.93 25.81
N ARG A 334 6.41 -2.90 26.00
CA ARG A 334 7.11 -4.01 26.61
C ARG A 334 6.62 -4.23 28.05
N ASP A 335 6.46 -3.14 28.81
CA ASP A 335 5.76 -3.14 30.11
C ASP A 335 4.31 -3.62 30.05
N PHE A 336 3.52 -3.07 29.13
CA PHE A 336 2.14 -3.56 28.90
C PHE A 336 2.13 -5.07 28.67
N LEU A 337 2.98 -5.55 27.76
CA LEU A 337 3.07 -6.97 27.45
C LEU A 337 3.36 -7.75 28.71
N ARG A 338 4.39 -7.36 29.42
CA ARG A 338 4.72 -8.03 30.66
C ARG A 338 3.54 -8.00 31.65
N ARG A 339 2.74 -6.95 31.62
CA ARG A 339 1.62 -6.85 32.54
C ARG A 339 0.49 -7.82 32.16
N HIS A 340 0.22 -7.92 30.85
CA HIS A 340 -0.77 -8.79 30.29
C HIS A 340 -0.44 -10.24 30.47
N LEU A 341 0.86 -10.55 30.41
CA LEU A 341 1.35 -11.90 30.64
C LEU A 341 1.08 -12.36 32.07
N GLU A 342 1.20 -11.44 33.03
CA GLU A 342 0.87 -11.75 34.44
C GLU A 342 -0.61 -12.00 34.56
N LYS A 343 -1.40 -11.09 34.02
CA LYS A 343 -2.84 -11.18 34.12
C LYS A 343 -3.34 -12.44 33.41
N ALA A 344 -2.65 -12.85 32.34
CA ALA A 344 -2.99 -14.05 31.57
C ALA A 344 -2.87 -15.28 32.43
N ARG A 345 -1.75 -15.33 33.17
CA ARG A 345 -1.46 -16.38 34.13
C ARG A 345 -2.59 -16.51 35.18
N ASP A 346 -3.12 -15.37 35.63
CA ASP A 346 -4.15 -15.34 36.68
C ASP A 346 -5.59 -15.54 36.18
N THR A 347 -5.79 -15.65 34.88
CA THR A 347 -7.15 -15.67 34.34
C THR A 347 -7.36 -16.75 33.29
N ALA A 348 -6.45 -17.72 33.25
CA ALA A 348 -6.41 -18.71 32.17
C ALA A 348 -6.59 -18.04 30.81
N LEU A 349 -5.66 -17.17 30.44
CA LEU A 349 -5.74 -16.41 29.19
C LEU A 349 -7.05 -15.63 28.95
N LEU A 350 -7.60 -15.08 30.04
CA LEU A 350 -8.85 -14.32 30.03
C LEU A 350 -10.11 -15.16 29.77
N THR A 351 -10.01 -16.46 30.06
CA THR A 351 -11.17 -17.32 29.92
C THR A 351 -11.90 -17.32 31.24
N ILE A 352 -11.15 -17.30 32.35
CA ILE A 352 -11.76 -17.01 33.65
C ILE A 352 -11.28 -15.71 34.29
N MET B 21 -24.98 12.79 -23.19
CA MET B 21 -23.97 12.96 -24.28
C MET B 21 -24.49 12.54 -25.66
N PRO B 22 -25.19 13.46 -26.36
CA PRO B 22 -25.56 13.20 -27.76
C PRO B 22 -24.38 13.01 -28.75
N PRO B 23 -23.26 13.76 -28.61
CA PRO B 23 -22.18 13.50 -29.59
C PRO B 23 -21.49 12.15 -29.41
N SER B 24 -21.15 11.52 -30.53
CA SER B 24 -20.44 10.25 -30.52
C SER B 24 -18.94 10.53 -30.43
N PRO B 25 -18.12 9.53 -30.05
CA PRO B 25 -16.66 9.71 -30.02
C PRO B 25 -16.04 10.13 -31.36
N ALA B 26 -16.66 9.73 -32.46
CA ALA B 26 -16.19 10.10 -33.78
C ALA B 26 -16.48 11.58 -34.03
N VAL B 27 -17.71 12.00 -33.73
CA VAL B 27 -18.12 13.39 -33.84
C VAL B 27 -17.21 14.29 -33.00
N VAL B 28 -17.05 13.92 -31.73
CA VAL B 28 -16.18 14.64 -30.78
C VAL B 28 -14.71 14.61 -31.22
N GLY B 29 -14.30 13.50 -31.82
CA GLY B 29 -12.93 13.33 -32.31
C GLY B 29 -12.60 14.23 -33.48
N ARG B 30 -13.46 14.25 -34.49
CA ARG B 30 -13.22 15.10 -35.67
C ARG B 30 -13.39 16.60 -35.38
N SER B 31 -14.23 16.91 -34.39
CA SER B 31 -14.44 18.31 -33.98
C SER B 31 -13.19 18.90 -33.33
N LEU B 32 -12.48 18.05 -32.58
CA LEU B 32 -11.29 18.49 -31.87
C LEU B 32 -10.05 18.53 -32.75
N VAL B 33 -9.95 17.61 -33.70
CA VAL B 33 -8.87 17.64 -34.71
C VAL B 33 -8.97 18.93 -35.52
N ASN B 34 -10.17 19.23 -36.02
CA ASN B 34 -10.47 20.49 -36.68
C ASN B 34 -10.02 21.70 -35.87
N SER B 35 -10.45 21.76 -34.60
CA SER B 35 -10.10 22.87 -33.72
C SER B 35 -8.59 22.96 -33.43
N PHE B 36 -7.84 21.93 -33.79
CA PHE B 36 -6.38 21.92 -33.64
C PHE B 36 -5.63 22.09 -34.95
N LYS B 37 -6.38 22.09 -36.06
CA LYS B 37 -5.80 22.15 -37.39
C LYS B 37 -4.88 23.37 -37.58
N GLN B 38 -5.15 24.44 -36.84
CA GLN B 38 -4.27 25.62 -36.87
C GLN B 38 -3.33 25.75 -35.66
N PHE B 39 -3.19 24.67 -34.89
CA PHE B 39 -2.08 24.56 -33.95
C PHE B 39 -0.91 23.94 -34.71
N VAL B 40 -1.19 22.81 -35.36
CA VAL B 40 -0.19 22.05 -36.12
C VAL B 40 0.24 22.69 -37.45
N SER B 41 -0.55 23.64 -37.94
CA SER B 41 -0.16 24.49 -39.07
C SER B 41 1.26 25.02 -38.85
N LYS B 42 1.51 25.50 -37.63
CA LYS B 42 2.85 25.88 -37.18
C LYS B 42 3.62 24.67 -36.68
N TYR B 70 17.15 26.26 -15.95
CA TYR B 70 16.38 25.20 -16.57
C TYR B 70 15.03 25.68 -17.11
N THR B 71 14.46 24.88 -18.00
CA THR B 71 13.12 25.09 -18.50
C THR B 71 12.14 24.18 -17.76
N PHE B 72 10.91 24.65 -17.66
CA PHE B 72 9.79 23.87 -17.15
C PHE B 72 8.53 24.47 -17.74
N GLY B 73 7.41 23.76 -17.60
CA GLY B 73 6.16 24.21 -18.18
C GLY B 73 5.71 23.33 -19.33
N SER B 74 4.61 23.71 -19.96
CA SER B 74 3.96 22.90 -21.00
C SER B 74 4.88 22.56 -22.17
N THR B 75 5.88 23.41 -22.38
CA THR B 75 6.86 23.27 -23.44
C THR B 75 7.68 21.99 -23.24
N VAL B 76 8.15 21.82 -22.02
CA VAL B 76 8.86 20.62 -21.59
C VAL B 76 7.90 19.42 -21.60
N VAL B 77 6.79 19.53 -20.85
CA VAL B 77 5.75 18.50 -20.75
C VAL B 77 5.34 17.96 -22.10
N TYR B 78 4.95 18.82 -23.05
CA TYR B 78 4.44 18.34 -24.33
C TYR B 78 5.54 18.11 -25.36
N GLY B 79 6.70 18.76 -25.13
CA GLY B 79 7.83 18.69 -26.05
C GLY B 79 7.59 19.52 -27.31
N VAL B 80 6.53 20.32 -27.28
CA VAL B 80 6.13 21.20 -28.40
C VAL B 80 5.78 22.60 -27.93
N ASP B 86 3.80 30.19 -24.03
CA ASP B 86 4.92 30.87 -23.38
C ASP B 86 5.88 29.88 -22.71
N VAL B 87 7.01 30.39 -22.21
CA VAL B 87 8.08 29.54 -21.69
C VAL B 87 8.58 29.92 -20.30
N ASP B 88 8.59 28.95 -19.40
CA ASP B 88 8.97 29.19 -18.01
C ASP B 88 10.40 28.72 -17.73
N PHE B 89 11.14 29.54 -17.00
CA PHE B 89 12.56 29.33 -16.71
C PHE B 89 12.87 29.51 -15.23
N VAL B 90 14.08 29.10 -14.84
CA VAL B 90 14.49 29.12 -13.44
C VAL B 90 16.00 28.95 -13.31
N VAL B 91 16.61 29.72 -12.39
CA VAL B 91 18.01 29.54 -11.99
C VAL B 91 17.98 28.89 -10.59
N LEU B 92 18.91 27.99 -10.25
CA LEU B 92 18.76 27.22 -8.99
C LEU B 92 20.02 26.69 -8.25
N ASN B 93 19.79 25.62 -7.46
CA ASN B 93 20.81 24.89 -6.68
C ASN B 93 21.72 25.75 -5.80
N LYS B 94 21.23 26.11 -4.62
CA LYS B 94 22.03 26.82 -3.62
C LYS B 94 22.84 25.84 -2.79
N LYS B 101 17.24 16.13 -7.48
CA LYS B 101 16.28 15.40 -6.66
C LYS B 101 15.82 16.13 -5.41
N GLY B 102 16.56 17.16 -5.00
CA GLY B 102 16.28 17.85 -3.74
C GLY B 102 14.97 18.62 -3.73
N GLY B 103 14.26 18.55 -2.61
CA GLY B 103 12.99 19.27 -2.44
C GLY B 103 13.19 20.75 -2.24
N ASP B 104 12.12 21.53 -2.41
CA ASP B 104 12.16 22.99 -2.26
C ASP B 104 11.71 23.45 -0.88
N ALA B 105 12.66 23.44 0.04
CA ALA B 105 12.46 23.93 1.40
C ALA B 105 12.48 25.47 1.45
N GLY B 112 12.55 37.51 -0.46
CA GLY B 112 13.71 38.38 -0.30
C GLY B 112 15.01 37.66 -0.57
N LEU B 113 15.10 36.42 -0.08
CA LEU B 113 16.27 35.57 -0.31
C LEU B 113 16.44 35.20 -1.79
N GLN B 114 15.33 34.88 -2.46
CA GLN B 114 15.33 34.48 -3.88
C GLN B 114 15.46 35.67 -4.82
N ALA B 115 14.53 36.63 -4.69
CA ALA B 115 14.44 37.82 -5.56
C ALA B 115 15.67 38.73 -5.53
N ASP B 116 16.47 38.60 -4.47
CA ASP B 116 17.77 39.28 -4.32
C ASP B 116 18.67 39.17 -5.55
N ILE B 117 18.71 37.98 -6.14
CA ILE B 117 19.60 37.71 -7.27
C ILE B 117 18.84 37.82 -8.60
N LEU B 118 17.93 38.80 -8.67
CA LEU B 118 17.20 39.10 -9.90
C LEU B 118 17.33 40.58 -10.27
N VAL B 153 6.71 35.63 -27.54
CA VAL B 153 7.99 35.96 -26.89
C VAL B 153 7.77 36.20 -25.38
N ASP B 154 6.56 35.89 -24.91
CA ASP B 154 6.21 35.96 -23.47
C ASP B 154 6.71 34.75 -22.64
N PHE B 155 6.98 34.98 -21.36
CA PHE B 155 7.61 33.99 -20.48
C PHE B 155 7.68 34.41 -19.00
N ASP B 156 8.18 33.52 -18.14
CA ASP B 156 8.34 33.81 -16.70
C ASP B 156 9.78 33.53 -16.22
N ILE B 157 10.10 33.85 -14.95
CA ILE B 157 11.42 33.54 -14.33
C ILE B 157 11.46 33.49 -12.79
N THR B 158 11.59 32.28 -12.24
CA THR B 158 11.83 32.11 -10.80
C THR B 158 13.31 31.74 -10.56
N ALA B 159 13.66 31.48 -9.31
CA ALA B 159 15.03 31.14 -8.93
C ALA B 159 15.08 30.32 -7.63
N TYR B 160 16.03 29.38 -7.58
CA TYR B 160 16.26 28.48 -6.43
C TYR B 160 15.08 27.53 -6.15
N ARG B 161 14.46 27.03 -7.21
CA ARG B 161 13.31 26.13 -7.10
C ARG B 161 13.45 24.93 -8.03
N ARG B 162 13.24 23.73 -7.49
CA ARG B 162 13.40 22.51 -8.27
C ARG B 162 12.09 21.87 -8.70
N ASN B 163 11.05 22.01 -7.86
CA ASN B 163 9.74 21.38 -8.11
C ASN B 163 9.12 21.61 -9.49
N GLY B 164 9.15 22.85 -9.96
CA GLY B 164 8.64 23.20 -11.28
C GLY B 164 9.31 22.38 -12.36
N VAL B 165 10.63 22.21 -12.25
CA VAL B 165 11.35 21.37 -13.22
C VAL B 165 11.08 19.89 -12.95
N ARG B 166 10.82 19.56 -11.68
CA ARG B 166 10.56 18.17 -11.33
C ARG B 166 9.22 17.64 -11.89
N ASN B 167 8.13 18.37 -11.68
CA ASN B 167 6.85 17.91 -12.22
C ASN B 167 6.74 17.98 -13.73
N SER B 168 7.47 18.94 -14.31
CA SER B 168 7.48 19.14 -15.75
C SER B 168 8.10 17.93 -16.40
N ALA B 169 9.25 17.52 -15.85
CA ALA B 169 9.99 16.33 -16.29
C ALA B 169 9.20 15.05 -16.05
N LEU B 170 8.44 15.02 -14.95
CA LEU B 170 7.59 13.89 -14.60
C LEU B 170 6.48 13.66 -15.65
N LEU B 171 5.64 14.67 -15.84
CA LEU B 171 4.59 14.61 -16.87
C LEU B 171 5.23 14.37 -18.24
N ARG B 172 6.43 14.93 -18.41
CA ARG B 172 7.22 14.70 -19.59
C ARG B 172 7.43 13.22 -19.80
N ALA B 173 7.93 12.54 -18.77
CA ALA B 173 8.21 11.10 -18.82
C ALA B 173 6.93 10.31 -19.08
N TYR B 174 5.85 10.66 -18.41
CA TYR B 174 4.53 10.11 -18.71
C TYR B 174 4.11 10.15 -20.18
N PHE B 175 4.22 11.33 -20.80
CA PHE B 175 3.77 11.49 -22.20
C PHE B 175 4.68 10.80 -23.21
N GLU B 176 5.96 10.71 -22.89
CA GLU B 176 6.91 9.94 -23.72
C GLU B 176 6.56 8.46 -23.80
N GLN B 177 5.76 7.96 -22.86
CA GLN B 177 5.34 6.57 -22.92
C GLN B 177 4.32 6.48 -24.00
N ASN B 178 3.44 7.47 -24.04
CA ASN B 178 2.28 7.46 -24.92
C ASN B 178 2.04 8.84 -25.52
N PRO B 179 2.89 9.24 -26.50
CA PRO B 179 2.82 10.64 -26.96
C PRO B 179 1.49 11.09 -27.60
N PRO B 180 0.75 10.20 -28.31
CA PRO B 180 -0.61 10.57 -28.75
C PRO B 180 -1.46 11.18 -27.65
N CYS B 181 -1.30 10.70 -26.42
CA CYS B 181 -2.08 11.15 -25.25
C CYS B 181 -1.94 12.62 -24.88
N ARG B 182 -0.89 13.26 -25.42
CA ARG B 182 -0.67 14.68 -25.21
C ARG B 182 -1.82 15.49 -25.78
N TRP B 183 -2.54 14.89 -26.75
CA TRP B 183 -3.68 15.54 -27.37
C TRP B 183 -4.81 15.67 -26.38
N LEU B 184 -5.09 14.62 -25.62
CA LEU B 184 -6.11 14.70 -24.58
C LEU B 184 -5.80 15.80 -23.57
N SER B 185 -4.53 15.94 -23.23
CA SER B 185 -4.12 16.94 -22.26
C SER B 185 -4.39 18.36 -22.75
N MET B 186 -3.99 18.63 -23.99
CA MET B 186 -4.14 19.94 -24.62
C MET B 186 -5.60 20.32 -24.82
N SER B 187 -6.43 19.30 -25.01
CA SER B 187 -7.88 19.45 -25.11
C SER B 187 -8.42 19.97 -23.79
N ILE B 188 -8.13 19.27 -22.70
CA ILE B 188 -8.61 19.68 -21.38
C ILE B 188 -8.05 21.04 -20.97
N LYS B 189 -6.75 21.25 -21.20
CA LYS B 189 -6.10 22.55 -20.88
C LYS B 189 -6.72 23.74 -21.65
N ARG B 190 -7.06 23.52 -22.91
CA ARG B 190 -7.66 24.56 -23.73
C ARG B 190 -9.11 24.77 -23.30
N TRP B 191 -9.85 23.67 -23.20
CA TRP B 191 -11.21 23.69 -22.68
C TRP B 191 -11.31 24.41 -21.34
N SER B 192 -10.38 24.07 -20.44
CA SER B 192 -10.40 24.58 -19.06
C SER B 192 -10.26 26.09 -19.02
N LYS B 193 -9.57 26.65 -20.01
CA LYS B 193 -9.40 28.09 -20.11
C LYS B 193 -10.68 28.79 -20.60
N GLN B 194 -11.36 28.18 -21.58
CA GLN B 194 -12.63 28.69 -22.13
C GLN B 194 -13.75 28.74 -21.09
N THR B 195 -13.63 27.93 -20.04
CA THR B 195 -14.69 27.76 -19.05
C THR B 195 -14.53 28.60 -17.78
N GLY B 196 -13.33 29.12 -17.56
CA GLY B 196 -13.04 29.93 -16.37
C GLY B 196 -12.56 29.08 -15.22
N LEU B 197 -12.53 27.76 -15.43
CA LEU B 197 -12.05 26.82 -14.41
C LEU B 197 -10.54 26.99 -14.20
N ASN B 198 -9.82 27.28 -15.28
CA ASN B 198 -8.38 27.42 -15.24
C ASN B 198 -7.96 28.62 -14.39
N ALA B 199 -7.07 28.37 -13.42
CA ALA B 199 -6.65 29.39 -12.45
C ALA B 199 -5.91 30.59 -13.06
N SER B 200 -5.48 30.47 -14.31
CA SER B 200 -4.88 31.58 -15.06
C SER B 200 -5.90 32.65 -15.43
N VAL B 201 -7.18 32.28 -15.31
CA VAL B 201 -8.31 33.11 -15.70
C VAL B 201 -9.01 33.56 -14.43
N ILE B 202 -9.21 34.87 -14.31
CA ILE B 202 -9.84 35.50 -13.14
C ILE B 202 -11.05 34.68 -12.66
N GLY B 203 -10.99 34.22 -11.41
CA GLY B 203 -12.01 33.32 -10.82
C GLY B 203 -11.69 31.83 -10.90
N GLY B 204 -10.62 31.51 -11.64
CA GLY B 204 -10.17 30.12 -11.83
C GLY B 204 -9.60 29.53 -10.57
N SER B 205 -9.86 28.24 -10.37
CA SER B 205 -9.55 27.57 -9.12
C SER B 205 -8.51 26.45 -9.27
N ILE B 206 -8.44 25.84 -10.46
CA ILE B 206 -7.44 24.81 -10.75
C ILE B 206 -6.46 25.26 -11.84
N THR B 207 -5.16 25.20 -11.52
CA THR B 207 -4.10 25.49 -12.48
C THR B 207 -4.09 24.44 -13.60
N SER B 208 -3.62 24.82 -14.78
CA SER B 208 -3.63 23.89 -15.92
C SER B 208 -2.72 22.66 -15.71
N TYR B 209 -1.80 22.80 -14.77
CA TYR B 209 -0.97 21.71 -14.28
C TYR B 209 -1.79 20.72 -13.44
N GLY B 210 -2.66 21.27 -12.58
CA GLY B 210 -3.61 20.49 -11.80
C GLY B 210 -4.52 19.69 -12.70
N PHE B 211 -4.87 20.26 -13.87
CA PHE B 211 -5.57 19.53 -14.91
C PHE B 211 -4.70 18.45 -15.54
N ASN B 212 -3.39 18.69 -15.65
CA ASN B 212 -2.45 17.68 -16.18
C ASN B 212 -2.36 16.48 -15.27
N LEU B 213 -2.48 16.75 -13.98
CA LEU B 213 -2.45 15.72 -12.97
C LEU B 213 -3.72 14.86 -13.01
N MET B 214 -4.86 15.48 -13.31
CA MET B 214 -6.11 14.72 -13.47
C MET B 214 -5.98 13.78 -14.67
N VAL B 215 -5.45 14.31 -15.77
CA VAL B 215 -5.32 13.56 -17.00
C VAL B 215 -4.41 12.32 -16.81
N VAL B 216 -3.18 12.52 -16.34
CA VAL B 216 -2.27 11.39 -16.09
C VAL B 216 -2.95 10.40 -15.15
N TYR B 217 -3.57 10.91 -14.07
CA TYR B 217 -4.23 10.04 -13.10
C TYR B 217 -5.32 9.20 -13.79
N TYR B 218 -6.25 9.86 -14.47
CA TYR B 218 -7.18 9.17 -15.34
C TYR B 218 -6.50 8.14 -16.26
N LEU B 219 -5.48 8.58 -16.98
CA LEU B 219 -4.79 7.69 -17.93
C LEU B 219 -4.10 6.47 -17.27
N LEU B 220 -3.53 6.69 -16.08
CA LEU B 220 -3.06 5.61 -15.21
C LEU B 220 -4.18 4.65 -14.86
N GLN B 221 -5.36 5.18 -14.50
CA GLN B 221 -6.50 4.35 -14.09
C GLN B 221 -6.98 3.43 -15.20
N ARG B 222 -6.91 3.89 -16.44
CA ARG B 222 -7.32 3.07 -17.57
C ARG B 222 -6.17 2.25 -18.13
N ASN B 223 -5.07 2.19 -17.40
CA ASN B 223 -3.87 1.43 -17.82
C ASN B 223 -3.27 1.89 -19.15
N HIS B 224 -3.66 3.11 -19.55
CA HIS B 224 -3.09 3.81 -20.70
C HIS B 224 -1.66 4.26 -20.41
N LEU B 225 -1.27 4.24 -19.14
CA LEU B 225 0.07 4.65 -18.72
C LEU B 225 0.59 3.80 -17.57
N GLN B 226 1.90 3.72 -17.48
CA GLN B 226 2.60 2.99 -16.44
C GLN B 226 3.13 3.92 -15.37
N PHE B 227 2.82 3.59 -14.12
CA PHE B 227 3.27 4.44 -13.02
C PHE B 227 4.78 4.63 -12.96
N VAL B 228 5.17 5.90 -12.89
CA VAL B 228 6.54 6.37 -12.80
C VAL B 228 6.64 7.10 -11.45
N PRO B 229 7.40 6.54 -10.48
CA PRO B 229 7.55 7.13 -9.14
C PRO B 229 8.19 8.51 -9.21
N PRO B 230 7.52 9.54 -8.66
CA PRO B 230 8.07 10.90 -8.75
C PRO B 230 9.49 11.04 -8.18
N SER B 231 9.89 10.13 -7.30
CA SER B 231 11.23 10.18 -6.71
C SER B 231 12.31 9.68 -7.66
N THR B 232 11.94 9.23 -8.85
CA THR B 232 12.96 8.86 -9.84
C THR B 232 13.45 10.07 -10.67
N ILE B 233 12.79 11.21 -10.49
CA ILE B 233 13.09 12.42 -11.26
C ILE B 233 14.17 13.25 -10.57
N ASP B 234 15.37 13.18 -11.14
CA ASP B 234 16.54 13.81 -10.55
C ASP B 234 16.92 15.04 -11.35
N VAL B 235 16.82 16.21 -10.71
CA VAL B 235 17.10 17.50 -11.34
C VAL B 235 18.49 17.52 -11.99
N SER B 236 19.29 16.53 -11.63
CA SER B 236 20.65 16.35 -12.11
C SER B 236 20.67 15.56 -13.43
N ARG B 237 19.74 14.62 -13.57
CA ARG B 237 19.67 13.77 -14.76
C ARG B 237 18.83 14.42 -15.86
N VAL B 238 18.10 15.47 -15.50
CA VAL B 238 17.12 16.11 -16.39
C VAL B 238 17.74 17.15 -17.32
N GLU B 239 17.32 17.11 -18.56
CA GLU B 239 17.88 17.96 -19.62
C GLU B 239 17.39 19.39 -19.46
N PRO B 240 18.33 20.34 -19.16
CA PRO B 240 18.07 21.78 -19.06
C PRO B 240 17.02 22.28 -20.03
N LEU B 241 17.11 21.83 -21.27
CA LEU B 241 16.14 22.15 -22.31
C LEU B 241 15.96 20.89 -23.16
N PRO B 242 14.96 20.05 -22.82
CA PRO B 242 14.69 18.76 -23.45
C PRO B 242 14.47 18.86 -24.95
N PRO B 243 14.72 17.75 -25.67
CA PRO B 243 14.57 17.79 -27.12
C PRO B 243 13.14 18.05 -27.54
N HIS B 244 12.96 18.55 -28.76
CA HIS B 244 11.65 18.67 -29.38
C HIS B 244 11.02 17.29 -29.56
N LEU B 245 9.73 17.18 -29.24
CA LEU B 245 8.99 15.93 -29.38
C LEU B 245 7.87 16.03 -30.41
N PRO B 246 8.09 15.44 -31.59
CA PRO B 246 7.23 15.64 -32.75
C PRO B 246 5.81 15.21 -32.47
N LEU B 247 4.86 16.05 -32.86
CA LEU B 247 3.45 15.87 -32.54
C LEU B 247 2.64 15.46 -33.74
N GLU B 248 2.58 14.15 -34.00
CA GLU B 248 1.78 13.60 -35.11
C GLU B 248 0.27 13.88 -34.97
N GLU B 249 -0.27 14.64 -35.93
CA GLU B 249 -1.71 14.92 -36.00
C GLU B 249 -2.41 13.60 -36.27
N PRO B 250 -3.37 13.20 -35.40
CA PRO B 250 -3.87 11.82 -35.36
C PRO B 250 -4.24 11.23 -36.72
N ALA B 251 -3.99 9.94 -36.88
CA ALA B 251 -4.35 9.20 -38.09
C ALA B 251 -5.81 8.75 -38.08
N ASP B 252 -6.29 8.33 -36.91
CA ASP B 252 -7.62 7.72 -36.77
C ASP B 252 -8.80 8.72 -36.79
N GLU B 253 -8.64 9.81 -37.53
CA GLU B 253 -9.68 10.84 -37.71
C GLU B 253 -10.04 11.53 -36.38
N GLY B 254 -9.27 11.27 -35.33
CA GLY B 254 -9.58 11.75 -33.99
C GLY B 254 -10.35 10.78 -33.12
N LEU B 255 -10.54 9.55 -33.61
CA LEU B 255 -11.37 8.53 -32.93
C LEU B 255 -10.99 8.26 -31.48
N GLU B 256 -9.76 7.79 -31.23
CA GLU B 256 -9.30 7.51 -29.87
C GLU B 256 -9.42 8.74 -28.97
N LEU B 257 -8.95 9.88 -29.45
CA LEU B 257 -9.00 11.15 -28.75
C LEU B 257 -10.42 11.59 -28.35
N GLY B 258 -11.42 11.30 -29.18
CA GLY B 258 -12.80 11.63 -28.85
C GLY B 258 -13.32 10.76 -27.72
N THR B 259 -12.89 9.49 -27.76
CA THR B 259 -13.29 8.44 -26.81
C THR B 259 -12.60 8.67 -25.46
N GLN B 260 -11.29 8.93 -25.54
CA GLN B 260 -10.50 9.39 -24.39
C GLN B 260 -11.11 10.59 -23.67
N VAL B 261 -11.56 11.60 -24.42
CA VAL B 261 -12.22 12.77 -23.84
C VAL B 261 -13.57 12.45 -23.16
N LEU B 262 -14.47 11.77 -23.88
CA LEU B 262 -15.77 11.41 -23.33
C LEU B 262 -15.62 10.48 -22.14
N ASP B 263 -14.70 9.52 -22.24
CA ASP B 263 -14.30 8.65 -21.13
C ASP B 263 -13.72 9.45 -19.95
N PHE B 264 -12.82 10.37 -20.26
CA PHE B 264 -12.24 11.26 -19.27
C PHE B 264 -13.29 11.98 -18.50
N LEU B 265 -14.28 12.50 -19.21
CA LEU B 265 -15.39 13.24 -18.56
C LEU B 265 -16.31 12.29 -17.79
N HIS B 266 -16.51 11.09 -18.34
CA HIS B 266 -17.29 10.09 -17.64
C HIS B 266 -16.65 9.76 -16.29
N PHE B 267 -15.34 9.49 -16.32
CA PHE B 267 -14.55 9.20 -15.11
C PHE B 267 -14.71 10.23 -13.98
N PHE B 268 -14.43 11.50 -14.28
CA PHE B 268 -14.37 12.53 -13.23
C PHE B 268 -15.73 13.00 -12.75
N LEU B 269 -16.75 12.64 -13.54
CA LEU B 269 -18.15 12.85 -13.15
C LEU B 269 -18.76 11.69 -12.36
N HIS B 270 -18.34 10.46 -12.64
CA HIS B 270 -19.12 9.30 -12.17
C HIS B 270 -18.35 8.14 -11.53
N GLU B 271 -17.02 8.14 -11.66
CA GLU B 271 -16.19 7.06 -11.11
C GLU B 271 -15.25 7.55 -10.05
N PHE B 272 -14.55 8.66 -10.32
CA PHE B 272 -13.76 9.30 -9.29
C PHE B 272 -14.71 9.75 -8.18
N ASP B 273 -14.40 9.32 -6.96
CA ASP B 273 -15.21 9.66 -5.79
C ASP B 273 -14.57 10.82 -5.04
N SER B 274 -15.01 12.04 -5.35
CA SER B 274 -14.50 13.25 -4.69
C SER B 274 -14.72 13.32 -3.16
N ASP B 275 -15.64 12.51 -2.64
CA ASP B 275 -15.93 12.45 -1.22
C ASP B 275 -14.92 11.63 -0.46
N LYS B 276 -14.33 10.63 -1.11
CA LYS B 276 -13.46 9.67 -0.43
C LYS B 276 -12.05 9.64 -1.01
N GLN B 277 -11.86 10.15 -2.23
CA GLN B 277 -10.59 9.97 -2.95
C GLN B 277 -9.78 11.23 -3.29
N VAL B 278 -8.51 10.99 -3.63
CA VAL B 278 -7.55 12.01 -4.03
C VAL B 278 -6.96 11.71 -5.43
N ILE B 279 -7.02 12.69 -6.32
CA ILE B 279 -6.22 12.67 -7.54
C ILE B 279 -4.73 12.76 -7.16
N SER B 280 -3.98 11.71 -7.50
CA SER B 280 -2.61 11.58 -7.09
C SER B 280 -1.74 10.87 -8.13
N LEU B 281 -0.53 11.40 -8.32
CA LEU B 281 0.56 10.71 -9.00
C LEU B 281 1.70 10.35 -8.02
N ASN B 282 1.40 10.38 -6.72
CA ASN B 282 2.39 10.13 -5.66
C ASN B 282 2.63 8.64 -5.37
N ARG B 283 1.59 7.82 -5.56
CA ARG B 283 1.62 6.39 -5.33
C ARG B 283 0.72 5.77 -6.37
N PRO B 284 0.93 4.48 -6.67
CA PRO B 284 -0.05 3.85 -7.55
C PRO B 284 -1.38 3.50 -6.84
N GLY B 285 -2.44 3.41 -7.64
CA GLY B 285 -3.76 3.09 -7.15
C GLY B 285 -4.55 4.23 -6.53
N ILE B 286 -5.44 3.87 -5.61
CA ILE B 286 -6.34 4.80 -4.96
C ILE B 286 -5.69 5.44 -3.76
N THR B 287 -5.73 6.76 -3.76
CA THR B 287 -5.40 7.47 -2.56
C THR B 287 -6.69 8.01 -1.99
N THR B 288 -6.96 7.65 -0.74
CA THR B 288 -8.14 8.17 -0.05
C THR B 288 -7.79 9.44 0.70
N LYS B 289 -8.80 10.26 1.00
CA LYS B 289 -8.60 11.51 1.73
C LYS B 289 -8.23 11.21 3.19
N GLU B 290 -8.85 10.17 3.72
CA GLU B 290 -8.46 9.59 5.00
C GLU B 290 -6.94 9.53 5.18
N GLU B 291 -6.23 8.86 4.27
CA GLU B 291 -4.82 8.52 4.51
C GLU B 291 -3.95 9.75 4.48
N LEU B 292 -4.38 10.77 3.74
CA LEU B 292 -3.71 12.06 3.75
C LEU B 292 -4.31 12.99 4.80
N ASP B 293 -5.42 12.59 5.42
CA ASP B 293 -6.07 13.41 6.44
C ASP B 293 -6.73 14.66 5.79
N TRP B 294 -7.15 14.52 4.53
CA TRP B 294 -7.81 15.61 3.81
C TRP B 294 -9.33 15.43 3.91
N THR B 295 -9.81 15.50 5.16
CA THR B 295 -11.18 15.18 5.52
C THR B 295 -12.03 16.43 5.70
N LYS B 296 -13.34 16.24 5.76
CA LYS B 296 -14.33 17.29 6.07
C LYS B 296 -13.97 17.98 7.39
N SER B 297 -13.59 17.15 8.36
CA SER B 297 -13.19 17.58 9.68
C SER B 297 -11.88 18.37 9.66
N ALA B 298 -11.08 18.19 8.60
CA ALA B 298 -9.86 18.97 8.40
C ALA B 298 -10.18 20.30 7.73
N GLU B 299 -11.24 20.33 6.92
CA GLU B 299 -11.70 21.57 6.29
C GLU B 299 -12.26 22.47 7.37
N ASP B 300 -13.10 21.88 8.21
CA ASP B 300 -13.74 22.56 9.33
C ASP B 300 -12.71 23.11 10.32
N PHE B 301 -11.72 22.27 10.65
CA PHE B 301 -10.64 22.67 11.55
C PHE B 301 -9.88 23.90 11.02
N ALA B 302 -9.65 23.92 9.70
CA ALA B 302 -8.97 25.02 9.05
C ALA B 302 -9.75 26.30 9.16
N ARG B 303 -11.07 26.18 8.99
CA ARG B 303 -11.99 27.33 9.09
C ARG B 303 -12.10 27.87 10.53
N MET B 304 -12.23 26.99 11.52
CA MET B 304 -12.21 27.40 12.93
C MET B 304 -10.86 28.02 13.35
N ASN B 305 -9.85 27.83 12.50
CA ASN B 305 -8.50 28.27 12.77
C ASN B 305 -8.08 29.48 11.92
N GLY B 306 -8.98 29.88 11.01
CA GLY B 306 -8.76 31.04 10.16
C GLY B 306 -8.05 30.74 8.86
N GLU B 307 -7.68 29.47 8.67
CA GLU B 307 -7.10 29.03 7.42
C GLU B 307 -8.22 28.82 6.40
N LYS B 308 -7.86 28.70 5.14
CA LYS B 308 -8.85 28.76 4.06
C LYS B 308 -8.79 27.53 3.16
N VAL B 309 -8.26 26.41 3.67
CA VAL B 309 -8.07 25.24 2.81
C VAL B 309 -9.39 24.53 2.49
N HIS B 310 -9.47 23.99 1.29
CA HIS B 310 -10.62 23.18 0.92
C HIS B 310 -10.20 21.84 0.37
N TYR B 311 -10.93 20.81 0.78
CA TYR B 311 -10.68 19.44 0.36
C TYR B 311 -11.89 18.92 -0.41
N GLN B 312 -12.50 19.81 -1.19
CA GLN B 312 -13.67 19.47 -2.00
C GLN B 312 -13.23 18.71 -3.24
N TRP B 313 -12.21 19.26 -3.88
CA TRP B 313 -11.65 18.64 -5.04
C TRP B 313 -10.15 18.51 -4.79
N CYS B 314 -9.76 17.28 -4.40
CA CYS B 314 -8.39 16.98 -3.93
C CYS B 314 -7.48 16.46 -5.04
N ILE B 315 -6.46 17.25 -5.35
CA ILE B 315 -5.42 16.87 -6.29
C ILE B 315 -4.09 17.08 -5.57
N GLU B 316 -3.36 15.98 -5.35
CA GLU B 316 -2.18 16.00 -4.49
C GLU B 316 -0.96 16.43 -5.28
N ASP B 317 -0.29 17.48 -4.85
CA ASP B 317 0.97 17.87 -5.49
C ASP B 317 2.06 16.83 -5.21
N PRO B 318 2.73 16.34 -6.29
CA PRO B 318 3.70 15.28 -6.10
C PRO B 318 4.99 15.68 -5.38
N TYR B 319 5.38 16.96 -5.39
CA TYR B 319 6.66 17.38 -4.79
C TYR B 319 6.56 18.31 -3.58
N GLU B 320 5.61 19.25 -3.64
CA GLU B 320 5.29 20.10 -2.50
C GLU B 320 4.73 19.26 -1.36
N LEU B 321 5.00 19.73 -0.15
CA LEU B 321 4.70 19.03 1.08
C LEU B 321 3.29 19.37 1.52
N ASN B 322 2.43 18.34 1.57
CA ASN B 322 1.03 18.48 1.99
C ASN B 322 0.28 19.55 1.19
N LEU B 323 0.41 19.51 -0.13
CA LEU B 323 -0.25 20.51 -0.95
C LEU B 323 -1.42 19.97 -1.77
N ASN B 324 -2.62 20.41 -1.42
CA ASN B 324 -3.78 20.19 -2.28
C ASN B 324 -3.81 21.24 -3.38
N VAL B 325 -3.68 20.80 -4.63
CA VAL B 325 -3.67 21.69 -5.80
C VAL B 325 -5.08 22.27 -6.09
N GLY B 326 -6.13 21.51 -5.78
CA GLY B 326 -7.51 22.04 -5.78
C GLY B 326 -7.94 22.66 -4.45
N ARG B 327 -6.99 23.24 -3.71
CA ARG B 327 -7.21 23.85 -2.38
C ARG B 327 -8.18 25.03 -2.42
N ASN B 328 -8.27 25.62 -3.61
CA ASN B 328 -9.11 26.78 -3.84
C ASN B 328 -10.47 26.45 -4.45
N VAL B 329 -10.82 25.15 -4.49
CA VAL B 329 -12.14 24.74 -4.99
C VAL B 329 -13.10 24.64 -3.82
N THR B 330 -13.90 25.68 -3.64
CA THR B 330 -14.83 25.75 -2.53
C THR B 330 -16.01 24.82 -2.83
N PRO B 331 -16.82 24.51 -1.81
CA PRO B 331 -18.02 23.72 -2.08
C PRO B 331 -18.76 24.20 -3.33
N LEU B 332 -18.78 25.51 -3.57
CA LEU B 332 -19.55 26.08 -4.68
C LEU B 332 -18.90 25.87 -6.05
N LYS B 333 -17.61 26.15 -6.15
CA LYS B 333 -16.81 25.99 -7.37
C LYS B 333 -16.71 24.52 -7.80
N ARG B 334 -17.03 23.64 -6.86
CA ARG B 334 -17.00 22.20 -7.03
C ARG B 334 -18.21 21.76 -7.82
N ASP B 335 -19.35 22.38 -7.50
CA ASP B 335 -20.57 22.21 -8.29
C ASP B 335 -20.39 22.83 -9.66
N PHE B 336 -19.75 24.00 -9.70
CA PHE B 336 -19.36 24.65 -10.96
C PHE B 336 -18.66 23.66 -11.89
N LEU B 337 -17.63 23.00 -11.37
CA LEU B 337 -16.83 22.03 -12.13
C LEU B 337 -17.67 20.88 -12.65
N ARG B 338 -18.48 20.30 -11.76
CA ARG B 338 -19.40 19.23 -12.14
C ARG B 338 -20.22 19.65 -13.35
N ARG B 339 -20.72 20.89 -13.29
CA ARG B 339 -21.61 21.42 -14.32
C ARG B 339 -20.89 21.67 -15.64
N HIS B 340 -19.65 22.15 -15.57
CA HIS B 340 -18.87 22.37 -16.79
C HIS B 340 -18.46 21.06 -17.44
N LEU B 341 -18.24 20.03 -16.62
CA LEU B 341 -17.90 18.71 -17.13
C LEU B 341 -19.11 18.10 -17.78
N GLU B 342 -20.29 18.39 -17.22
CA GLU B 342 -21.57 17.98 -17.83
C GLU B 342 -21.73 18.61 -19.24
N LYS B 343 -21.62 19.94 -19.32
CA LYS B 343 -21.68 20.66 -20.60
C LYS B 343 -20.57 20.23 -21.56
N ALA B 344 -19.36 20.03 -21.03
CA ALA B 344 -18.19 19.59 -21.81
C ALA B 344 -18.45 18.33 -22.62
N ARG B 345 -19.26 17.45 -22.02
CA ARG B 345 -19.53 16.12 -22.52
C ARG B 345 -20.51 16.16 -23.70
N ASP B 346 -21.29 17.24 -23.74
CA ASP B 346 -22.34 17.49 -24.74
C ASP B 346 -21.93 18.49 -25.82
N THR B 347 -20.85 19.23 -25.61
CA THR B 347 -20.39 20.18 -26.62
C THR B 347 -19.03 19.78 -27.18
N ALA B 348 -18.48 18.67 -26.66
CA ALA B 348 -17.12 18.22 -26.98
C ALA B 348 -16.07 19.30 -26.65
N LEU B 349 -16.11 19.74 -25.39
CA LEU B 349 -15.20 20.77 -24.88
C LEU B 349 -15.46 22.14 -25.50
N LEU B 350 -16.76 22.40 -25.74
CA LEU B 350 -17.24 23.67 -26.29
C LEU B 350 -16.81 23.94 -27.75
N THR B 351 -16.73 22.87 -28.54
CA THR B 351 -16.35 22.98 -29.96
C THR B 351 -17.54 22.64 -30.83
N ILE B 352 -18.05 21.42 -30.69
CA ILE B 352 -19.18 20.94 -31.49
C ILE B 352 -20.51 21.28 -30.80
N VAL B 353 -20.55 22.50 -30.25
CA VAL B 353 -21.80 23.12 -29.76
C VAL B 353 -22.81 23.14 -30.91
#